data_7PR7
#
_entry.id   7PR7
#
_cell.length_a   46.400
_cell.length_b   71.010
_cell.length_c   79.230
_cell.angle_alpha   90.000
_cell.angle_beta   95.140
_cell.angle_gamma   90.000
#
_symmetry.space_group_name_H-M   'P 1 21 1'
#
loop_
_entity.id
_entity.type
_entity.pdbx_description
1 polymer 'Heparanase 50 kDa subunit'
2 polymer 'Heparanase 8 kDa subunit'
3 branched alpha-L-fucopyranose-(1-6)-2-acetamido-2-deoxy-beta-D-glucopyranose
4 branched '2-acetamido-2-deoxy-alpha-D-glucopyranose-(1-4)-(2R,3S,5R,6R)-2,3,4,5,6-pentakis(oxidanyl)cyclohexane-1-carboxylic acid'
5 non-polymer 2-acetamido-2-deoxy-beta-D-glucopyranose
6 non-polymer 1,2-ETHANEDIOL
7 non-polymer 'CHLORIDE ION'
8 water water
#
loop_
_entity_poly.entity_id
_entity_poly.type
_entity_poly.pdbx_seq_one_letter_code
_entity_poly.pdbx_strand_id
1 'polypeptide(L)'
;KFKNSTYSRSSVDVLYTFANCSGLDLIFGLNALLRTADLQWNSSNAQLLLDYCSSKGYNISWELGNEPNSFLKKADIFIN
GSQLGEDFIQLHKLLRKSTFKNAKLYGPDVGQPRRKTAKMLKSFLKAGGEVIDSVTWHHYYLNGRTATREDFLNPDVLDI
FISSVQKVFQVVESTRPGKKVWLGETSSAYGGGAPLLSDTFAAGFMWLDKLGLSARMGIEVVMRQVFFGAGNYHLVDENF
DPLPDYWLSLLFKKLVGTKVLMASVQGSKRRKLRVYLHCTNTDNPRYKEGDLTLYAINLHNVTKYLRLPYPFSNKQVDKY
LLRPLGPHGLLSKSVQLNGLTLKMVDDQTLPPLMEKPLRPGSSLGLPAFSYSFFVIRNAKVAACI
;
A
2 'polypeptide(L)' QDVVDLDFFTQEPLHLVSPSFLSVTIDANLATDPRFLILLGSPKLRTLARGLSPAYLRFGGTKTDFLIFDPKKE B
#
loop_
_chem_comp.id
_chem_comp.type
_chem_comp.name
_chem_comp.formula
8I4 saccharide '(2R,3S,5R,6R)-2,3,4,5,6-pentakis(oxidanyl)cyclohexane-1-carboxylic acid' 'C7 H12 O7'
CL non-polymer 'CHLORIDE ION' 'Cl -1'
EDO non-polymer 1,2-ETHANEDIOL 'C2 H6 O2'
FUC L-saccharide, alpha linking alpha-L-fucopyranose 'C6 H12 O5'
NAG D-saccharide, beta linking 2-acetamido-2-deoxy-beta-D-glucopyranose 'C8 H15 N O6'
NDG D-saccharide, alpha linking 2-acetamido-2-deoxy-alpha-D-glucopyranose 'C8 H15 N O6'
#
# COMPACT_ATOMS: atom_id res chain seq x y z
N LYS A 1 -7.62 18.54 -20.33
CA LYS A 1 -8.12 18.65 -18.94
C LYS A 1 -6.97 19.04 -18.02
N PHE A 2 -5.84 18.31 -18.07
CA PHE A 2 -4.68 18.53 -17.18
C PHE A 2 -3.76 19.62 -17.76
N LYS A 3 -3.49 20.63 -16.94
CA LYS A 3 -2.62 21.81 -17.27
C LYS A 3 -1.36 21.74 -16.41
N ASN A 4 -0.26 22.25 -16.93
CA ASN A 4 0.97 22.40 -16.12
C ASN A 4 0.67 23.32 -14.92
N SER A 5 1.32 23.03 -13.80
CA SER A 5 1.40 23.86 -12.57
C SER A 5 2.86 23.88 -12.14
N THR A 6 3.28 24.94 -11.46
CA THR A 6 4.61 24.98 -10.83
C THR A 6 4.49 24.69 -9.33
N TYR A 7 5.59 24.26 -8.75
CA TYR A 7 5.74 24.17 -7.29
C TYR A 7 7.08 24.77 -6.92
N SER A 8 7.19 25.17 -5.66
CA SER A 8 8.28 25.99 -5.10
C SER A 8 9.23 25.13 -4.29
N ARG A 9 10.39 25.70 -3.97
CA ARG A 9 11.31 25.18 -2.95
C ARG A 9 10.50 24.96 -1.66
N SER A 10 9.64 25.90 -1.32
CA SER A 10 8.77 25.86 -0.12
C SER A 10 7.99 24.54 -0.10
N SER A 11 7.31 24.24 -1.21
CA SER A 11 6.48 23.00 -1.40
C SER A 11 7.35 21.76 -1.19
N VAL A 12 8.53 21.73 -1.78
CA VAL A 12 9.50 20.63 -1.57
C VAL A 12 9.83 20.51 -0.09
N ASP A 13 10.18 21.63 0.55
CA ASP A 13 10.52 21.59 2.01
C ASP A 13 9.34 21.07 2.83
N VAL A 14 8.13 21.52 2.55
CA VAL A 14 6.88 21.09 3.26
C VAL A 14 6.81 19.55 3.19
N LEU A 15 6.90 19.02 1.98
CA LEU A 15 6.80 17.56 1.70
C LEU A 15 7.92 16.79 2.41
N TYR A 16 9.17 17.23 2.25
CA TYR A 16 10.33 16.57 2.89
C TYR A 16 10.16 16.61 4.40
N THR A 17 9.80 17.78 4.98
CA THR A 17 9.70 17.91 6.45
C THR A 17 8.66 16.93 7.01
N PHE A 18 7.53 16.83 6.31
CA PHE A 18 6.41 15.94 6.68
C PHE A 18 6.93 14.50 6.68
N ALA A 19 7.65 14.06 5.63
CA ALA A 19 8.18 12.68 5.59
C ALA A 19 9.18 12.49 6.74
N ASN A 20 10.13 13.42 6.89
CA ASN A 20 11.28 13.26 7.80
C ASN A 20 10.74 13.21 9.24
N CYS A 21 9.83 14.11 9.59
CA CYS A 21 9.26 14.26 10.96
C CYS A 21 8.36 13.05 11.24
N SER A 22 7.84 12.40 10.20
CA SER A 22 6.89 11.27 10.37
C SER A 22 7.59 9.90 10.33
N GLY A 23 8.89 9.83 10.09
CA GLY A 23 9.67 8.59 9.96
C GLY A 23 9.34 7.87 8.66
N LEU A 24 8.94 8.59 7.61
CA LEU A 24 8.64 7.96 6.31
C LEU A 24 9.78 8.25 5.32
N ASP A 25 9.98 7.35 4.37
CA ASP A 25 10.99 7.44 3.28
C ASP A 25 10.32 7.99 2.03
N LEU A 26 10.64 9.23 1.65
CA LEU A 26 10.01 9.93 0.53
C LEU A 26 10.50 9.40 -0.81
N ILE A 27 9.55 9.11 -1.68
CA ILE A 27 9.79 8.82 -3.11
C ILE A 27 9.10 9.94 -3.90
N PHE A 28 9.86 10.67 -4.72
CA PHE A 28 9.37 11.82 -5.49
C PHE A 28 9.25 11.48 -6.97
N GLY A 29 8.03 11.53 -7.49
CA GLY A 29 7.76 11.35 -8.93
C GLY A 29 8.15 12.56 -9.78
N LEU A 30 9.06 12.37 -10.72
CA LEU A 30 9.48 13.44 -11.65
C LEU A 30 8.57 13.44 -12.88
N ASN A 31 8.42 14.61 -13.49
CA ASN A 31 7.60 14.81 -14.70
C ASN A 31 8.26 14.18 -15.92
N ALA A 32 7.64 13.16 -16.51
CA ALA A 32 8.16 12.49 -17.71
C ALA A 32 7.61 13.09 -19.02
N LEU A 33 6.75 14.10 -18.97
CA LEU A 33 6.14 14.66 -20.21
C LEU A 33 6.96 15.87 -20.68
N LEU A 34 8.05 16.19 -20.01
CA LEU A 34 9.01 17.25 -20.47
C LEU A 34 9.91 16.57 -21.50
N ARG A 35 9.69 16.93 -22.77
CA ARG A 35 10.17 16.18 -23.95
C ARG A 35 10.97 17.11 -24.88
N THR A 36 12.08 16.63 -25.43
CA THR A 36 12.87 17.35 -26.46
C THR A 36 12.16 17.25 -27.82
N ALA A 37 12.69 17.96 -28.81
CA ALA A 37 12.26 17.90 -30.23
C ALA A 37 11.81 16.49 -30.58
N ASP A 38 12.73 15.50 -30.52
CA ASP A 38 12.50 14.11 -30.97
C ASP A 38 12.01 13.21 -29.82
N LEU A 39 11.18 13.72 -28.91
CA LEU A 39 10.52 12.94 -27.84
C LEU A 39 11.53 12.14 -26.99
N GLN A 40 12.73 12.67 -26.76
CA GLN A 40 13.60 12.23 -25.63
C GLN A 40 13.10 12.93 -24.37
N TRP A 41 13.31 12.35 -23.20
CA TRP A 41 13.00 13.06 -21.95
C TRP A 41 13.96 14.27 -21.84
N ASN A 42 13.42 15.46 -21.57
CA ASN A 42 14.23 16.67 -21.26
C ASN A 42 14.41 16.76 -19.75
N SER A 43 15.59 16.39 -19.28
CA SER A 43 15.93 16.28 -17.83
C SER A 43 16.27 17.63 -17.21
N SER A 44 16.15 18.76 -17.91
CA SER A 44 16.71 20.05 -17.39
C SER A 44 15.96 20.47 -16.10
N ASN A 45 14.64 20.24 -16.00
CA ASN A 45 13.85 20.66 -14.81
C ASN A 45 14.21 19.76 -13.63
N ALA A 46 14.25 18.45 -13.86
CA ALA A 46 14.71 17.46 -12.85
C ALA A 46 16.09 17.86 -12.34
N GLN A 47 16.96 18.35 -13.23
CA GLN A 47 18.32 18.74 -12.78
C GLN A 47 18.19 19.84 -11.74
N LEU A 48 17.33 20.83 -11.99
CA LEU A 48 17.16 21.97 -11.06
C LEU A 48 16.71 21.39 -9.71
N LEU A 49 15.79 20.43 -9.74
CA LEU A 49 15.27 19.86 -8.46
C LEU A 49 16.35 19.05 -7.76
N LEU A 50 17.10 18.17 -8.45
CA LEU A 50 18.14 17.33 -7.83
C LEU A 50 19.17 18.24 -7.15
N ASP A 51 19.56 19.31 -7.84
CA ASP A 51 20.53 20.31 -7.32
C ASP A 51 19.97 20.93 -6.07
N TYR A 52 18.71 21.38 -6.09
CA TYR A 52 18.10 21.98 -4.89
C TYR A 52 18.09 20.95 -3.75
N CYS A 53 17.54 19.75 -3.98
CA CYS A 53 17.46 18.71 -2.91
C CYS A 53 18.86 18.39 -2.36
N SER A 54 19.86 18.29 -3.27
CA SER A 54 21.29 18.03 -2.92
C SER A 54 21.80 19.12 -1.97
N SER A 55 21.50 20.37 -2.27
CA SER A 55 21.92 21.57 -1.49
C SER A 55 21.29 21.55 -0.09
N LYS A 56 20.13 20.90 0.08
CA LYS A 56 19.46 20.88 1.40
C LYS A 56 19.77 19.57 2.12
N GLY A 57 20.52 18.67 1.48
CA GLY A 57 20.93 17.39 2.07
C GLY A 57 19.71 16.47 2.26
N TYR A 58 18.78 16.52 1.34
CA TYR A 58 17.54 15.69 1.36
C TYR A 58 17.86 14.29 0.83
N ASN A 59 17.54 13.26 1.63
CA ASN A 59 17.63 11.81 1.33
C ASN A 59 16.33 11.41 0.63
N ILE A 60 16.32 11.37 -0.70
CA ILE A 60 15.04 11.16 -1.43
C ILE A 60 15.28 10.05 -2.46
N SER A 61 14.26 9.20 -2.67
CA SER A 61 14.19 8.24 -3.79
C SER A 61 13.31 8.79 -4.91
N TRP A 62 13.52 8.30 -6.11
CA TRP A 62 12.93 8.89 -7.31
C TRP A 62 12.07 7.90 -8.11
N GLU A 63 11.07 8.48 -8.79
CA GLU A 63 10.29 7.87 -9.89
C GLU A 63 10.27 8.84 -11.05
N LEU A 64 9.90 8.36 -12.22
CA LEU A 64 9.78 9.21 -13.42
C LEU A 64 8.53 8.78 -14.14
N GLY A 65 7.54 9.65 -14.12
CA GLY A 65 6.25 9.41 -14.76
C GLY A 65 5.31 8.61 -13.86
N ASN A 66 4.03 8.78 -14.15
CA ASN A 66 2.88 8.09 -13.54
C ASN A 66 1.99 7.57 -14.67
N GLU A 67 1.73 6.28 -14.67
CA GLU A 67 0.82 5.66 -15.66
C GLU A 67 1.16 6.17 -17.06
N PRO A 68 2.39 5.86 -17.53
CA PRO A 68 2.79 6.30 -18.87
C PRO A 68 1.95 5.63 -19.97
N ASN A 69 1.27 4.51 -19.66
CA ASN A 69 0.34 3.81 -20.55
C ASN A 69 -0.79 4.75 -20.98
N SER A 70 -1.11 5.78 -20.20
CA SER A 70 -2.25 6.68 -20.51
C SER A 70 -1.81 8.09 -20.91
N PHE A 71 -0.53 8.27 -21.27
CA PHE A 71 -0.03 9.59 -21.72
C PHE A 71 -0.79 10.05 -22.97
N LEU A 72 -1.09 9.13 -23.87
CA LEU A 72 -1.77 9.55 -25.13
C LEU A 72 -3.14 10.16 -24.76
N LYS A 73 -3.93 9.49 -23.91
CA LYS A 73 -5.22 10.01 -23.41
C LYS A 73 -5.03 11.33 -22.65
N LYS A 74 -4.07 11.39 -21.74
CA LYS A 74 -3.96 12.52 -20.78
C LYS A 74 -3.37 13.75 -21.47
N ALA A 75 -2.44 13.60 -22.43
CA ALA A 75 -1.60 14.69 -22.95
C ALA A 75 -1.41 14.61 -24.48
N ASP A 76 -2.14 13.73 -25.17
CA ASP A 76 -1.99 13.47 -26.63
C ASP A 76 -0.49 13.33 -26.98
N ILE A 77 0.28 12.66 -26.13
CA ILE A 77 1.70 12.28 -26.41
C ILE A 77 1.81 10.76 -26.17
N PHE A 78 2.34 10.02 -27.13
CA PHE A 78 2.65 8.58 -26.94
C PHE A 78 4.15 8.41 -26.73
N ILE A 79 4.52 7.86 -25.58
CA ILE A 79 5.92 7.43 -25.28
C ILE A 79 5.93 5.90 -25.21
N ASN A 80 6.72 5.20 -26.02
CA ASN A 80 6.74 3.73 -25.95
C ASN A 80 7.65 3.27 -24.80
N GLY A 81 7.53 2.02 -24.38
CA GLY A 81 8.32 1.50 -23.24
C GLY A 81 9.82 1.55 -23.48
N SER A 82 10.25 1.32 -24.73
CA SER A 82 11.69 1.39 -25.11
C SER A 82 12.24 2.78 -24.79
N GLN A 83 11.55 3.83 -25.23
CA GLN A 83 11.95 5.24 -25.03
C GLN A 83 11.93 5.55 -23.54
N LEU A 84 10.90 5.10 -22.82
CA LEU A 84 10.80 5.40 -21.37
C LEU A 84 11.98 4.76 -20.64
N GLY A 85 12.34 3.53 -21.04
CA GLY A 85 13.51 2.84 -20.52
C GLY A 85 14.76 3.70 -20.71
N GLU A 86 14.91 4.28 -21.90
CA GLU A 86 16.05 5.17 -22.20
C GLU A 86 16.02 6.40 -21.28
N ASP A 87 14.82 6.96 -21.07
CA ASP A 87 14.63 8.12 -20.19
C ASP A 87 15.09 7.77 -18.76
N PHE A 88 14.69 6.61 -18.25
CA PHE A 88 15.14 6.13 -16.90
C PHE A 88 16.67 6.01 -16.84
N ILE A 89 17.29 5.50 -17.90
CA ILE A 89 18.78 5.40 -17.98
C ILE A 89 19.34 6.84 -17.86
N GLN A 90 18.74 7.80 -18.52
CA GLN A 90 19.21 9.21 -18.43
C GLN A 90 19.06 9.71 -17.00
N LEU A 91 17.94 9.40 -16.31
CA LEU A 91 17.79 9.84 -14.90
C LEU A 91 18.80 9.14 -14.01
N HIS A 92 19.05 7.86 -14.22
CA HIS A 92 20.01 7.09 -13.42
C HIS A 92 21.41 7.78 -13.52
N LYS A 93 21.77 8.22 -14.73
CA LYS A 93 23.07 8.91 -14.93
C LYS A 93 23.11 10.22 -14.12
N LEU A 94 22.02 10.99 -14.09
CA LEU A 94 21.95 12.24 -13.28
C LEU A 94 22.08 11.92 -11.80
N LEU A 95 21.38 10.89 -11.33
CA LEU A 95 21.49 10.52 -9.90
C LEU A 95 22.92 10.14 -9.56
N ARG A 96 23.57 9.40 -10.44
CA ARG A 96 24.95 8.91 -10.16
C ARG A 96 25.91 10.10 -10.03
N LYS A 97 25.62 11.20 -10.70
CA LYS A 97 26.50 12.41 -10.69
C LYS A 97 26.09 13.39 -9.59
N SER A 98 25.13 13.05 -8.73
CA SER A 98 24.57 13.94 -7.69
C SER A 98 25.18 13.55 -6.34
N THR A 99 24.86 14.29 -5.28
CA THR A 99 25.41 14.12 -3.91
C THR A 99 24.99 12.78 -3.31
N PHE A 100 23.79 12.30 -3.65
CA PHE A 100 23.27 10.96 -3.29
C PHE A 100 23.30 10.09 -4.56
N LYS A 101 24.49 9.58 -4.85
CA LYS A 101 24.82 8.81 -6.07
C LYS A 101 24.25 7.41 -5.91
N ASN A 102 23.84 7.05 -4.70
CA ASN A 102 23.28 5.72 -4.36
C ASN A 102 21.76 5.81 -4.16
N ALA A 103 21.14 6.96 -4.47
CA ALA A 103 19.67 7.18 -4.37
C ALA A 103 18.96 6.05 -5.14
N LYS A 104 17.77 5.65 -4.68
CA LYS A 104 17.05 4.59 -5.43
C LYS A 104 16.12 5.21 -6.46
N LEU A 105 15.82 4.39 -7.47
CA LEU A 105 15.03 4.71 -8.67
C LEU A 105 14.04 3.58 -8.89
N TYR A 106 12.78 3.93 -8.90
CA TYR A 106 11.67 2.95 -9.08
C TYR A 106 10.91 3.36 -10.33
N GLY A 107 10.29 2.36 -10.98
CA GLY A 107 9.38 2.67 -12.07
C GLY A 107 8.88 1.38 -12.72
N PRO A 108 8.06 1.45 -13.80
CA PRO A 108 7.59 2.69 -14.41
C PRO A 108 6.20 3.20 -14.02
N ASP A 109 5.64 2.66 -12.94
CA ASP A 109 4.34 3.10 -12.41
C ASP A 109 3.29 2.92 -13.50
N VAL A 110 3.29 1.76 -14.11
CA VAL A 110 2.24 1.42 -15.11
C VAL A 110 0.95 1.01 -14.38
N GLY A 111 -0.15 1.14 -15.09
CA GLY A 111 -1.43 0.58 -14.62
C GLY A 111 -1.42 -0.92 -14.68
N GLN A 112 -2.55 -1.50 -14.32
CA GLN A 112 -2.65 -2.97 -14.21
C GLN A 112 -2.58 -3.57 -15.61
N PRO A 113 -2.13 -4.84 -15.70
CA PRO A 113 -1.62 -5.39 -16.95
C PRO A 113 -2.60 -5.89 -18.02
N ARG A 114 -3.39 -4.98 -18.55
CA ARG A 114 -4.05 -5.13 -19.87
C ARG A 114 -2.99 -5.31 -20.97
N ARG A 115 -3.39 -5.82 -22.12
CA ARG A 115 -2.50 -6.16 -23.24
C ARG A 115 -1.50 -5.02 -23.52
N LYS A 116 -1.99 -3.80 -23.72
CA LYS A 116 -1.13 -2.66 -24.14
C LYS A 116 -0.22 -2.29 -22.97
N THR A 117 -0.68 -2.45 -21.74
CA THR A 117 0.14 -2.04 -20.56
C THR A 117 1.24 -3.08 -20.36
N ALA A 118 0.90 -4.36 -20.55
CA ALA A 118 1.88 -5.46 -20.42
C ALA A 118 2.99 -5.26 -21.46
N LYS A 119 2.63 -4.85 -22.68
CA LYS A 119 3.61 -4.65 -23.78
C LYS A 119 4.57 -3.50 -23.38
N MET A 120 4.03 -2.43 -22.83
CA MET A 120 4.82 -1.24 -22.47
C MET A 120 5.74 -1.62 -21.33
N LEU A 121 5.24 -2.37 -20.35
CA LEU A 121 6.08 -2.80 -19.22
C LEU A 121 7.21 -3.70 -19.71
N LYS A 122 6.92 -4.63 -20.60
CA LYS A 122 7.95 -5.57 -21.10
C LYS A 122 9.05 -4.78 -21.83
N SER A 123 8.68 -3.89 -22.74
CA SER A 123 9.67 -3.12 -23.54
C SER A 123 10.44 -2.17 -22.63
N PHE A 124 9.77 -1.63 -21.60
CA PHE A 124 10.40 -0.76 -20.58
C PHE A 124 11.45 -1.56 -19.84
N LEU A 125 11.12 -2.77 -19.37
CA LEU A 125 12.09 -3.55 -18.54
C LEU A 125 13.25 -4.03 -19.43
N LYS A 126 12.99 -4.36 -20.68
CA LYS A 126 14.09 -4.75 -21.61
C LYS A 126 15.10 -3.61 -21.73
N ALA A 127 14.60 -2.39 -21.93
CA ALA A 127 15.39 -1.17 -22.22
C ALA A 127 16.01 -0.62 -20.94
N GLY A 128 15.20 -0.40 -19.90
CA GLY A 128 15.58 0.39 -18.72
C GLY A 128 15.70 -0.42 -17.44
N GLY A 129 15.34 -1.71 -17.46
CA GLY A 129 15.27 -2.55 -16.27
C GLY A 129 16.52 -2.59 -15.44
N GLU A 130 17.70 -2.37 -16.04
CA GLU A 130 18.94 -2.56 -15.29
C GLU A 130 19.05 -1.47 -14.22
N VAL A 131 18.45 -0.30 -14.44
CA VAL A 131 18.73 0.87 -13.56
C VAL A 131 17.61 1.08 -12.53
N ILE A 132 16.54 0.27 -12.56
CA ILE A 132 15.50 0.45 -11.50
C ILE A 132 15.78 -0.51 -10.34
N ASP A 133 15.49 -0.08 -9.13
CA ASP A 133 15.68 -0.87 -7.90
C ASP A 133 14.45 -1.77 -7.63
N SER A 134 13.30 -1.37 -8.13
CA SER A 134 12.03 -2.15 -8.04
C SER A 134 11.15 -1.80 -9.20
N VAL A 135 10.31 -2.73 -9.61
CA VAL A 135 9.27 -2.51 -10.64
C VAL A 135 8.00 -2.06 -9.94
N THR A 136 7.47 -0.92 -10.32
CA THR A 136 6.20 -0.38 -9.76
C THR A 136 5.09 -0.53 -10.79
N TRP A 137 3.93 -0.99 -10.29
CA TRP A 137 2.67 -1.00 -11.06
C TRP A 137 1.53 -0.69 -10.12
N HIS A 138 0.37 -0.45 -10.68
CA HIS A 138 -0.79 0.08 -9.94
C HIS A 138 -1.97 -0.85 -10.09
N HIS A 139 -2.82 -0.86 -9.10
CA HIS A 139 -4.02 -1.70 -9.19
C HIS A 139 -5.19 -1.04 -8.48
N TYR A 140 -6.36 -1.16 -9.11
N TYR A 140 -6.37 -1.13 -9.10
CA TYR A 140 -7.63 -0.81 -8.45
CA TYR A 140 -7.66 -0.74 -8.48
C TYR A 140 -8.61 -1.91 -8.79
C TYR A 140 -8.74 -1.75 -8.86
N TYR A 141 -9.53 -2.22 -7.90
CA TYR A 141 -10.56 -3.26 -8.20
C TYR A 141 -11.65 -2.69 -9.10
N LEU A 142 -12.04 -1.44 -8.86
CA LEU A 142 -13.32 -0.87 -9.34
C LEU A 142 -13.16 0.55 -9.80
N ASN A 143 -14.10 0.99 -10.64
CA ASN A 143 -14.29 2.42 -10.95
C ASN A 143 -15.11 3.05 -9.80
N GLY A 144 -14.61 4.11 -9.15
CA GLY A 144 -15.33 4.67 -8.01
C GLY A 144 -16.70 5.23 -8.40
N ARG A 145 -16.87 5.59 -9.66
CA ARG A 145 -18.16 6.16 -10.14
C ARG A 145 -19.24 5.10 -10.08
N THR A 146 -18.94 3.81 -10.33
CA THR A 146 -19.94 2.77 -10.55
C THR A 146 -19.90 1.66 -9.51
N ALA A 147 -18.89 1.66 -8.66
CA ALA A 147 -18.74 0.61 -7.64
C ALA A 147 -19.99 0.52 -6.79
N THR A 148 -20.40 -0.68 -6.46
CA THR A 148 -21.48 -0.95 -5.51
C THR A 148 -21.00 -1.52 -4.19
N ARG A 149 -21.86 -1.42 -3.17
CA ARG A 149 -21.63 -2.12 -1.91
C ARG A 149 -21.42 -3.61 -2.14
N GLU A 150 -22.22 -4.26 -3.00
CA GLU A 150 -22.09 -5.71 -3.22
C GLU A 150 -20.70 -6.00 -3.80
N ASP A 151 -20.19 -5.12 -4.64
CA ASP A 151 -18.85 -5.34 -5.24
C ASP A 151 -17.79 -5.40 -4.15
N PHE A 152 -17.92 -4.54 -3.14
CA PHE A 152 -16.91 -4.47 -2.05
C PHE A 152 -16.89 -5.75 -1.23
N LEU A 153 -17.98 -6.55 -1.25
CA LEU A 153 -18.15 -7.80 -0.46
C LEU A 153 -18.07 -9.04 -1.32
N ASN A 154 -17.70 -8.92 -2.59
CA ASN A 154 -17.83 -10.04 -3.57
C ASN A 154 -16.47 -10.71 -3.74
N PRO A 155 -16.31 -11.97 -3.27
CA PRO A 155 -15.06 -12.68 -3.47
C PRO A 155 -14.65 -12.83 -4.93
N ASP A 156 -15.59 -12.81 -5.90
CA ASP A 156 -15.22 -12.84 -7.34
C ASP A 156 -14.52 -11.54 -7.75
N VAL A 157 -14.84 -10.42 -7.12
CA VAL A 157 -14.14 -9.15 -7.38
C VAL A 157 -12.75 -9.25 -6.73
N LEU A 158 -12.68 -9.69 -5.46
CA LEU A 158 -11.37 -9.81 -4.77
C LEU A 158 -10.41 -10.71 -5.57
N ASP A 159 -10.92 -11.81 -6.12
CA ASP A 159 -10.06 -12.80 -6.78
C ASP A 159 -9.42 -12.26 -8.05
N ILE A 160 -9.97 -11.21 -8.67
CA ILE A 160 -9.41 -10.69 -9.95
C ILE A 160 -7.99 -10.19 -9.72
N PHE A 161 -7.67 -9.79 -8.49
CA PHE A 161 -6.33 -9.26 -8.20
C PHE A 161 -5.29 -10.35 -8.45
N ILE A 162 -5.64 -11.60 -8.17
CA ILE A 162 -4.66 -12.74 -8.31
C ILE A 162 -4.19 -12.80 -9.76
N SER A 163 -5.10 -12.71 -10.72
CA SER A 163 -4.67 -12.73 -12.15
C SER A 163 -3.83 -11.52 -12.51
N SER A 164 -4.10 -10.31 -11.99
CA SER A 164 -3.26 -9.13 -12.28
C SER A 164 -1.85 -9.46 -11.79
N VAL A 165 -1.71 -9.96 -10.58
CA VAL A 165 -0.37 -10.21 -10.00
C VAL A 165 0.38 -11.23 -10.87
N GLN A 166 -0.28 -12.31 -11.24
CA GLN A 166 0.34 -13.37 -12.06
C GLN A 166 0.80 -12.77 -13.38
N LYS A 167 0.02 -11.89 -13.98
CA LYS A 167 0.37 -11.29 -15.29
C LYS A 167 1.59 -10.38 -15.16
N VAL A 168 1.69 -9.60 -14.07
CA VAL A 168 2.89 -8.74 -13.87
C VAL A 168 4.10 -9.64 -13.68
N PHE A 169 4.02 -10.66 -12.85
CA PHE A 169 5.21 -11.52 -12.64
C PHE A 169 5.56 -12.22 -13.95
N GLN A 170 4.59 -12.55 -14.82
CA GLN A 170 4.97 -13.17 -16.12
C GLN A 170 5.86 -12.21 -16.92
N VAL A 171 5.55 -10.93 -16.91
CA VAL A 171 6.34 -9.93 -17.70
C VAL A 171 7.71 -9.81 -17.01
N VAL A 172 7.74 -9.67 -15.68
CA VAL A 172 9.04 -9.44 -15.02
C VAL A 172 9.93 -10.69 -15.15
N GLU A 173 9.39 -11.90 -15.01
CA GLU A 173 10.22 -13.15 -15.08
C GLU A 173 10.80 -13.28 -16.51
N SER A 174 10.16 -12.71 -17.51
CA SER A 174 10.58 -12.79 -18.94
C SER A 174 11.66 -11.75 -19.25
N THR A 175 11.94 -10.79 -18.35
CA THR A 175 12.79 -9.61 -18.69
C THR A 175 13.84 -9.35 -17.61
N ARG A 176 13.48 -9.34 -16.35
CA ARG A 176 14.38 -9.00 -15.23
C ARG A 176 14.06 -9.93 -14.07
N PRO A 177 14.38 -11.23 -14.24
CA PRO A 177 14.08 -12.23 -13.23
C PRO A 177 14.64 -11.86 -11.85
N GLY A 178 13.83 -11.94 -10.80
CA GLY A 178 14.27 -11.60 -9.44
C GLY A 178 14.22 -10.10 -9.09
N LYS A 179 13.91 -9.22 -10.02
CA LYS A 179 13.71 -7.79 -9.69
C LYS A 179 12.53 -7.68 -8.73
N LYS A 180 12.66 -6.87 -7.67
CA LYS A 180 11.58 -6.68 -6.69
C LYS A 180 10.39 -6.06 -7.40
N VAL A 181 9.19 -6.48 -6.99
CA VAL A 181 7.93 -5.95 -7.60
C VAL A 181 7.11 -5.29 -6.51
N TRP A 182 6.77 -4.02 -6.72
CA TRP A 182 6.01 -3.17 -5.78
C TRP A 182 4.69 -2.76 -6.40
N LEU A 183 3.66 -2.63 -5.57
CA LEU A 183 2.47 -1.86 -5.93
C LEU A 183 2.71 -0.40 -5.57
N GLY A 184 2.85 0.43 -6.60
CA GLY A 184 3.24 1.84 -6.44
C GLY A 184 2.10 2.77 -6.14
N GLU A 185 0.86 2.31 -6.32
CA GLU A 185 -0.35 3.11 -6.10
C GLU A 185 -1.50 2.12 -6.18
N THR A 186 -2.27 1.98 -5.11
CA THR A 186 -3.34 0.99 -5.13
C THR A 186 -4.43 1.36 -4.16
N SER A 187 -5.67 1.07 -4.56
N SER A 187 -5.65 1.01 -4.54
CA SER A 187 -6.83 1.17 -3.64
CA SER A 187 -6.86 1.30 -3.74
C SER A 187 -8.06 0.52 -4.24
C SER A 187 -8.01 0.38 -4.15
N SER A 188 -9.13 0.52 -3.45
CA SER A 188 -10.39 -0.12 -3.80
C SER A 188 -10.87 0.32 -5.19
N ALA A 189 -10.94 1.60 -5.42
CA ALA A 189 -11.60 2.14 -6.64
C ALA A 189 -10.87 3.36 -7.11
N TYR A 190 -10.78 3.58 -8.43
CA TYR A 190 -10.04 4.71 -8.99
C TYR A 190 -11.05 5.88 -9.14
N GLY A 191 -10.58 7.02 -9.63
CA GLY A 191 -11.38 8.26 -9.72
C GLY A 191 -11.69 8.79 -8.36
N GLY A 192 -10.77 8.59 -7.40
CA GLY A 192 -10.91 9.13 -6.04
C GLY A 192 -11.64 8.25 -5.06
N GLY A 193 -12.09 7.06 -5.47
CA GLY A 193 -12.78 6.15 -4.57
C GLY A 193 -14.28 6.14 -4.78
N ALA A 194 -14.95 5.18 -4.19
CA ALA A 194 -16.41 4.98 -4.28
C ALA A 194 -17.05 5.73 -3.13
N PRO A 195 -17.87 6.76 -3.41
CA PRO A 195 -18.54 7.48 -2.32
C PRO A 195 -19.34 6.59 -1.37
N LEU A 196 -19.17 6.84 -0.07
CA LEU A 196 -19.84 6.17 1.06
C LEU A 196 -19.36 4.73 1.19
N LEU A 197 -18.31 4.29 0.45
CA LEU A 197 -17.83 2.90 0.50
C LEU A 197 -16.32 2.87 0.78
N SER A 198 -15.52 3.59 0.01
CA SER A 198 -14.02 3.56 0.07
C SER A 198 -13.50 4.08 1.42
N ASP A 199 -14.33 4.80 2.17
CA ASP A 199 -13.94 5.40 3.47
C ASP A 199 -14.62 4.70 4.65
N THR A 200 -15.09 3.46 4.50
CA THR A 200 -15.92 2.76 5.49
C THR A 200 -15.24 1.47 5.93
N PHE A 201 -15.83 0.84 6.92
CA PHE A 201 -15.44 -0.51 7.40
C PHE A 201 -15.47 -1.46 6.18
N ALA A 202 -16.36 -1.25 5.23
CA ALA A 202 -16.55 -2.19 4.10
C ALA A 202 -15.30 -2.17 3.22
N ALA A 203 -14.57 -1.06 3.18
CA ALA A 203 -13.35 -0.93 2.37
C ALA A 203 -12.28 -1.93 2.87
N GLY A 204 -12.37 -2.37 4.11
CA GLY A 204 -11.31 -3.17 4.73
C GLY A 204 -11.25 -4.57 4.16
N PHE A 205 -12.35 -5.10 3.62
CA PHE A 205 -12.28 -6.46 3.02
C PHE A 205 -11.25 -6.41 1.89
N MET A 206 -11.42 -5.47 0.94
CA MET A 206 -10.50 -5.31 -0.18
C MET A 206 -9.09 -5.01 0.31
N TRP A 207 -8.94 -4.07 1.24
CA TRP A 207 -7.56 -3.69 1.65
C TRP A 207 -6.83 -4.85 2.33
N LEU A 208 -7.49 -5.54 3.29
CA LEU A 208 -6.78 -6.62 4.03
C LEU A 208 -6.51 -7.77 3.05
N ASP A 209 -7.47 -8.08 2.15
CA ASP A 209 -7.25 -9.17 1.19
C ASP A 209 -6.09 -8.83 0.24
N LYS A 210 -6.00 -7.58 -0.22
CA LYS A 210 -4.89 -7.13 -1.09
C LYS A 210 -3.55 -7.29 -0.37
N LEU A 211 -3.48 -6.91 0.89
CA LEU A 211 -2.24 -7.06 1.66
C LEU A 211 -1.90 -8.55 1.76
N GLY A 212 -2.89 -9.35 2.13
CA GLY A 212 -2.65 -10.81 2.25
C GLY A 212 -2.13 -11.43 0.98
N LEU A 213 -2.82 -11.15 -0.13
CA LEU A 213 -2.44 -11.75 -1.41
C LEU A 213 -1.12 -11.15 -1.90
N SER A 214 -0.92 -9.87 -1.74
CA SER A 214 0.36 -9.25 -2.14
C SER A 214 1.53 -9.98 -1.44
N ALA A 215 1.42 -10.13 -0.14
CA ALA A 215 2.49 -10.78 0.65
C ALA A 215 2.65 -12.23 0.21
N ARG A 216 1.55 -12.95 0.02
CA ARG A 216 1.60 -14.37 -0.31
C ARG A 216 2.23 -14.56 -1.69
N MET A 217 1.98 -13.66 -2.65
CA MET A 217 2.34 -13.85 -4.06
C MET A 217 3.69 -13.23 -4.39
N GLY A 218 4.35 -12.59 -3.47
CA GLY A 218 5.70 -12.07 -3.76
C GLY A 218 5.84 -10.60 -3.98
N ILE A 219 4.80 -9.81 -3.79
CA ILE A 219 4.96 -8.34 -3.84
C ILE A 219 5.64 -7.87 -2.54
N GLU A 220 6.66 -7.02 -2.62
CA GLU A 220 7.50 -6.68 -1.45
C GLU A 220 6.99 -5.44 -0.68
N VAL A 221 6.31 -4.52 -1.37
CA VAL A 221 5.83 -3.21 -0.86
C VAL A 221 4.52 -2.89 -1.58
N VAL A 222 3.55 -2.41 -0.79
CA VAL A 222 2.21 -1.99 -1.29
C VAL A 222 2.01 -0.55 -0.86
N MET A 223 1.85 0.33 -1.81
CA MET A 223 1.64 1.80 -1.53
C MET A 223 0.17 2.17 -1.64
N ARG A 224 -0.45 2.41 -0.51
CA ARG A 224 -1.87 2.75 -0.42
C ARG A 224 -2.13 4.16 -0.92
N GLN A 225 -2.93 4.27 -1.96
CA GLN A 225 -3.60 5.52 -2.36
C GLN A 225 -4.85 5.70 -1.46
N VAL A 226 -4.95 6.72 -0.62
CA VAL A 226 -3.96 7.73 -0.33
C VAL A 226 -3.92 7.92 1.19
N PHE A 227 -2.81 8.42 1.73
CA PHE A 227 -2.77 8.67 3.20
C PHE A 227 -3.80 9.74 3.58
N PHE A 228 -3.86 10.81 2.79
CA PHE A 228 -4.63 12.03 3.03
C PHE A 228 -4.75 12.76 1.69
N GLY A 229 -5.94 13.24 1.42
CA GLY A 229 -6.19 13.98 0.18
C GLY A 229 -7.55 13.79 -0.39
N ALA A 230 -7.67 14.22 -1.65
CA ALA A 230 -8.95 14.43 -2.34
C ALA A 230 -9.44 13.09 -2.86
N GLY A 231 -10.69 12.79 -2.45
N GLY A 231 -10.26 12.41 -2.12
CA GLY A 231 -11.42 11.54 -2.72
CA GLY A 231 -10.69 11.07 -2.55
C GLY A 231 -11.92 10.95 -1.41
C GLY A 231 -10.98 10.25 -1.34
N ASN A 232 -12.17 9.63 -1.34
CA ASN A 232 -12.60 9.02 -0.08
C ASN A 232 -11.98 7.62 0.09
N TYR A 233 -10.93 7.31 -0.65
CA TYR A 233 -10.05 6.18 -0.31
C TYR A 233 -8.95 6.62 0.65
N HIS A 234 -8.98 7.89 1.09
CA HIS A 234 -7.99 8.33 2.10
C HIS A 234 -8.07 7.49 3.38
N LEU A 235 -6.92 7.29 4.02
CA LEU A 235 -6.82 6.69 5.37
C LEU A 235 -7.25 7.69 6.45
N VAL A 236 -7.07 8.99 6.17
CA VAL A 236 -7.29 10.10 7.12
C VAL A 236 -8.13 11.15 6.41
N ASP A 237 -9.23 11.51 7.03
CA ASP A 237 -10.23 12.44 6.44
C ASP A 237 -9.80 13.91 6.59
N GLU A 238 -10.62 14.77 6.01
CA GLU A 238 -10.36 16.23 5.89
C GLU A 238 -10.19 16.86 7.29
N ASN A 239 -10.69 16.24 8.35
CA ASN A 239 -10.58 16.72 9.76
C ASN A 239 -9.34 16.14 10.42
N PHE A 240 -8.48 15.46 9.66
CA PHE A 240 -7.32 14.72 10.19
C PHE A 240 -7.78 13.65 11.18
N ASP A 241 -8.96 13.05 10.97
CA ASP A 241 -9.45 11.92 11.79
C ASP A 241 -9.29 10.61 11.02
N PRO A 242 -8.78 9.57 11.68
CA PRO A 242 -8.52 8.28 11.03
C PRO A 242 -9.82 7.54 10.70
N LEU A 243 -9.87 6.97 9.49
CA LEU A 243 -10.99 6.11 9.03
C LEU A 243 -10.66 4.64 9.31
N PRO A 244 -11.64 3.74 9.14
CA PRO A 244 -11.44 2.35 9.53
C PRO A 244 -10.16 1.73 8.93
N ASP A 245 -9.89 2.04 7.66
CA ASP A 245 -8.67 1.47 7.03
C ASP A 245 -7.37 1.98 7.68
N TYR A 246 -7.37 3.16 8.30
CA TYR A 246 -6.17 3.59 9.05
C TYR A 246 -5.97 2.62 10.20
N TRP A 247 -7.03 2.33 10.95
CA TRP A 247 -6.94 1.45 12.15
C TRP A 247 -6.53 0.04 11.69
N LEU A 248 -7.12 -0.41 10.60
CA LEU A 248 -6.76 -1.76 10.10
C LEU A 248 -5.26 -1.76 9.73
N SER A 249 -4.78 -0.71 9.06
CA SER A 249 -3.38 -0.54 8.63
C SER A 249 -2.47 -0.55 9.86
N LEU A 250 -2.87 0.21 10.89
CA LEU A 250 -2.03 0.25 12.12
C LEU A 250 -1.97 -1.11 12.82
N LEU A 251 -3.10 -1.80 12.94
CA LEU A 251 -3.14 -3.14 13.55
C LEU A 251 -2.26 -4.08 12.72
N PHE A 252 -2.34 -4.02 11.38
CA PHE A 252 -1.56 -4.89 10.49
C PHE A 252 -0.09 -4.69 10.81
N LYS A 253 0.31 -3.42 10.88
CA LYS A 253 1.73 -3.08 11.12
C LYS A 253 2.17 -3.57 12.50
N LYS A 254 1.30 -3.53 13.49
CA LYS A 254 1.67 -3.95 14.88
C LYS A 254 1.83 -5.47 14.99
N LEU A 255 1.08 -6.24 14.22
CA LEU A 255 0.97 -7.68 14.45
C LEU A 255 1.69 -8.52 13.39
N VAL A 256 1.76 -8.06 12.15
CA VAL A 256 2.19 -8.93 11.04
C VAL A 256 3.66 -8.73 10.74
N GLY A 257 4.39 -9.84 10.70
CA GLY A 257 5.83 -9.84 10.45
C GLY A 257 6.20 -9.90 9.00
N THR A 258 7.50 -9.83 8.73
CA THR A 258 8.04 -9.79 7.35
C THR A 258 8.07 -11.18 6.71
N LYS A 259 8.08 -12.24 7.48
CA LYS A 259 8.18 -13.60 6.93
C LYS A 259 6.79 -14.09 6.64
N VAL A 260 6.55 -14.38 5.37
CA VAL A 260 5.21 -14.78 4.90
C VAL A 260 5.14 -16.30 4.89
N LEU A 261 4.06 -16.83 5.43
CA LEU A 261 3.76 -18.28 5.46
C LEU A 261 2.45 -18.51 4.68
N MET A 262 1.75 -19.60 4.90
CA MET A 262 0.54 -19.93 4.12
C MET A 262 -0.47 -20.56 5.06
N ALA A 263 -1.72 -20.17 4.89
CA ALA A 263 -2.89 -20.80 5.53
C ALA A 263 -3.89 -21.10 4.47
N SER A 264 -4.68 -22.15 4.70
CA SER A 264 -5.80 -22.45 3.80
C SER A 264 -6.88 -23.21 4.54
N VAL A 265 -8.08 -23.15 4.00
CA VAL A 265 -9.27 -23.77 4.63
C VAL A 265 -9.50 -25.13 3.98
N GLN A 266 -9.53 -26.18 4.78
CA GLN A 266 -9.83 -27.56 4.29
C GLN A 266 -11.22 -27.55 3.65
N GLY A 267 -11.39 -28.22 2.52
CA GLY A 267 -12.66 -28.23 1.77
C GLY A 267 -12.56 -27.40 0.51
N SER A 268 -13.44 -27.70 -0.46
CA SER A 268 -13.48 -27.12 -1.83
C SER A 268 -13.79 -25.61 -1.79
N LYS A 269 -14.73 -25.19 -0.95
CA LYS A 269 -15.20 -23.77 -0.89
C LYS A 269 -14.15 -22.97 -0.11
N ARG A 270 -13.45 -22.08 -0.80
CA ARG A 270 -12.33 -21.28 -0.27
C ARG A 270 -12.55 -19.81 -0.66
N ARG A 271 -13.74 -19.45 -1.11
CA ARG A 271 -13.95 -18.09 -1.68
C ARG A 271 -14.17 -17.11 -0.51
N LYS A 272 -15.12 -17.40 0.39
CA LYS A 272 -15.68 -16.37 1.30
C LYS A 272 -14.94 -16.34 2.64
N LEU A 273 -14.18 -17.36 2.99
CA LEU A 273 -13.34 -17.37 4.19
C LEU A 273 -11.90 -17.31 3.70
N ARG A 274 -11.25 -16.18 3.90
CA ARG A 274 -9.94 -15.83 3.35
C ARG A 274 -8.92 -15.75 4.49
N VAL A 275 -7.86 -16.54 4.37
CA VAL A 275 -6.90 -16.69 5.49
C VAL A 275 -5.45 -16.51 5.03
N TYR A 276 -4.67 -15.87 5.90
CA TYR A 276 -3.28 -15.47 5.65
C TYR A 276 -2.46 -15.71 6.91
N LEU A 277 -1.19 -16.04 6.71
CA LEU A 277 -0.35 -16.43 7.89
C LEU A 277 1.03 -15.89 7.70
N HIS A 278 1.52 -15.15 8.72
CA HIS A 278 2.93 -14.69 8.74
C HIS A 278 3.52 -15.01 10.11
N CYS A 279 4.82 -14.91 10.21
CA CYS A 279 5.47 -14.78 11.53
C CYS A 279 4.91 -13.51 12.17
N THR A 280 4.82 -13.51 13.49
CA THR A 280 4.42 -12.32 14.24
C THR A 280 5.52 -11.26 14.18
N ASN A 281 5.15 -9.98 14.13
CA ASN A 281 6.11 -8.86 14.10
C ASN A 281 6.98 -8.88 15.38
N THR A 282 8.29 -9.05 15.23
CA THR A 282 9.26 -9.27 16.35
C THR A 282 9.37 -8.00 17.18
N ASP A 283 8.99 -6.85 16.63
CA ASP A 283 9.07 -5.55 17.32
C ASP A 283 7.93 -5.41 18.32
N ASN A 284 6.91 -6.26 18.22
CA ASN A 284 5.76 -6.21 19.13
C ASN A 284 6.26 -6.69 20.50
N PRO A 285 6.21 -5.83 21.53
CA PRO A 285 6.79 -6.17 22.82
C PRO A 285 6.02 -7.27 23.54
N ARG A 286 4.76 -7.59 23.16
CA ARG A 286 4.02 -8.66 23.87
C ARG A 286 4.51 -10.05 23.45
N TYR A 287 5.04 -10.21 22.23
CA TYR A 287 5.20 -11.54 21.61
C TYR A 287 6.67 -11.92 21.52
N LYS A 288 6.94 -13.15 21.15
CA LYS A 288 8.34 -13.64 21.14
C LYS A 288 8.65 -14.35 19.84
N GLU A 289 9.93 -14.53 19.58
CA GLU A 289 10.43 -15.27 18.41
C GLU A 289 9.66 -16.59 18.33
N GLY A 290 9.14 -16.93 17.15
CA GLY A 290 8.44 -18.19 16.90
C GLY A 290 6.94 -18.03 16.85
N ASP A 291 6.41 -16.90 17.32
CA ASP A 291 4.95 -16.69 17.37
C ASP A 291 4.43 -16.48 15.94
N LEU A 292 3.17 -16.84 15.74
CA LEU A 292 2.48 -16.69 14.42
C LEU A 292 1.40 -15.63 14.49
N THR A 293 1.18 -14.97 13.35
CA THR A 293 0.00 -14.09 13.18
C THR A 293 -0.83 -14.60 12.00
N LEU A 294 -2.01 -15.04 12.33
CA LEU A 294 -3.07 -15.42 11.36
C LEU A 294 -3.95 -14.18 11.14
N TYR A 295 -4.36 -13.91 9.90
CA TYR A 295 -5.46 -12.92 9.73
C TYR A 295 -6.47 -13.54 8.80
N ALA A 296 -7.71 -13.20 9.04
CA ALA A 296 -8.82 -13.86 8.33
C ALA A 296 -9.92 -12.85 8.04
N ILE A 297 -10.54 -13.11 6.89
CA ILE A 297 -11.69 -12.33 6.39
C ILE A 297 -12.87 -13.26 6.24
N ASN A 298 -14.02 -12.89 6.81
CA ASN A 298 -15.25 -13.70 6.66
C ASN A 298 -16.28 -12.93 5.86
N LEU A 299 -16.53 -13.37 4.62
CA LEU A 299 -17.50 -12.72 3.71
C LEU A 299 -18.78 -13.58 3.68
N HIS A 300 -18.86 -14.59 4.53
CA HIS A 300 -20.12 -15.36 4.74
C HIS A 300 -21.08 -14.48 5.55
N ASN A 301 -22.36 -14.83 5.54
CA ASN A 301 -23.36 -14.05 6.30
C ASN A 301 -23.63 -14.68 7.66
N VAL A 302 -22.85 -15.67 8.08
CA VAL A 302 -22.88 -16.31 9.41
C VAL A 302 -21.47 -16.35 9.97
N THR A 303 -21.41 -16.42 11.29
CA THR A 303 -20.17 -16.63 12.03
C THR A 303 -19.54 -17.94 11.58
N LYS A 304 -18.22 -17.94 11.39
CA LYS A 304 -17.45 -19.19 11.21
C LYS A 304 -16.53 -19.40 12.38
N TYR A 305 -16.19 -20.65 12.67
CA TYR A 305 -15.38 -21.01 13.85
C TYR A 305 -14.15 -21.72 13.34
N LEU A 306 -12.97 -21.11 13.49
CA LEU A 306 -11.76 -21.67 12.87
C LEU A 306 -11.06 -22.58 13.87
N ARG A 307 -10.64 -23.77 13.44
CA ARG A 307 -9.82 -24.69 14.27
C ARG A 307 -8.38 -24.73 13.77
N LEU A 308 -7.46 -24.47 14.67
CA LEU A 308 -6.01 -24.44 14.38
C LEU A 308 -5.53 -25.87 14.29
N PRO A 309 -4.58 -26.15 13.39
CA PRO A 309 -3.99 -27.49 13.28
C PRO A 309 -2.96 -27.80 14.35
N TYR A 310 -2.72 -29.10 14.60
CA TYR A 310 -1.54 -29.57 15.38
C TYR A 310 -0.29 -28.97 14.76
N PRO A 311 0.72 -28.51 15.51
CA PRO A 311 0.73 -28.56 16.98
C PRO A 311 0.29 -27.27 17.70
N PHE A 312 -0.65 -26.52 17.12
CA PHE A 312 -1.05 -25.16 17.57
C PHE A 312 -2.43 -25.16 18.22
N SER A 313 -3.11 -26.31 18.24
CA SER A 313 -4.52 -26.42 18.66
C SER A 313 -4.76 -25.96 20.10
N ASN A 314 -3.80 -26.10 21.01
CA ASN A 314 -4.00 -25.82 22.47
C ASN A 314 -3.27 -24.55 22.92
N LYS A 315 -2.70 -23.79 21.98
CA LYS A 315 -1.86 -22.62 22.29
C LYS A 315 -2.76 -21.46 22.73
N GLN A 316 -2.19 -20.59 23.55
CA GLN A 316 -2.83 -19.32 23.94
C GLN A 316 -2.89 -18.49 22.64
N VAL A 317 -4.08 -18.05 22.30
CA VAL A 317 -4.31 -17.14 21.15
C VAL A 317 -4.84 -15.78 21.62
N ASP A 318 -4.30 -14.71 21.08
CA ASP A 318 -4.82 -13.33 21.28
C ASP A 318 -5.64 -12.94 20.04
N LYS A 319 -6.88 -12.54 20.23
CA LYS A 319 -7.80 -12.12 19.17
C LYS A 319 -7.76 -10.60 19.04
N TYR A 320 -7.81 -10.13 17.81
CA TYR A 320 -7.87 -8.69 17.46
C TYR A 320 -8.94 -8.58 16.38
N LEU A 321 -10.20 -8.56 16.81
CA LEU A 321 -11.38 -8.58 15.92
C LEU A 321 -11.89 -7.16 15.67
N LEU A 322 -12.03 -6.79 14.41
CA LEU A 322 -12.53 -5.47 13.97
C LEU A 322 -13.96 -5.61 13.53
N ARG A 323 -14.86 -4.77 14.09
CA ARG A 323 -16.27 -4.71 13.68
C ARG A 323 -16.71 -3.26 13.67
N PRO A 324 -17.66 -2.89 12.82
CA PRO A 324 -18.05 -1.50 12.77
C PRO A 324 -18.82 -1.05 14.01
N LEU A 325 -18.65 0.24 14.34
CA LEU A 325 -19.54 0.93 15.33
C LEU A 325 -20.83 1.37 14.63
N GLY A 326 -22.00 1.11 15.22
CA GLY A 326 -23.29 1.31 14.56
C GLY A 326 -23.60 2.80 14.54
N PRO A 327 -24.67 3.23 13.90
CA PRO A 327 -25.68 2.36 13.36
C PRO A 327 -25.59 1.94 11.89
N HIS A 328 -24.50 2.35 11.23
CA HIS A 328 -24.41 2.24 9.75
C HIS A 328 -23.70 0.95 9.32
N GLY A 329 -23.45 0.05 10.22
CA GLY A 329 -23.02 -1.31 9.79
C GLY A 329 -21.72 -1.23 9.02
N LEU A 330 -21.66 -1.97 7.92
CA LEU A 330 -20.41 -1.97 7.10
C LEU A 330 -20.18 -0.62 6.47
N LEU A 331 -21.19 0.26 6.43
CA LEU A 331 -20.97 1.61 5.85
C LEU A 331 -20.58 2.62 6.93
N SER A 332 -20.23 2.13 8.11
CA SER A 332 -19.72 2.96 9.22
C SER A 332 -18.30 3.50 8.93
N LYS A 333 -18.00 4.71 9.44
CA LYS A 333 -16.66 5.32 9.41
C LYS A 333 -15.95 5.15 10.77
N SER A 334 -16.54 4.37 11.66
CA SER A 334 -15.98 4.08 13.00
C SER A 334 -15.87 2.57 13.21
N VAL A 335 -14.83 2.14 13.89
CA VAL A 335 -14.57 0.70 14.08
C VAL A 335 -14.24 0.43 15.54
N GLN A 336 -14.60 -0.75 15.99
CA GLN A 336 -14.28 -1.25 17.32
C GLN A 336 -13.31 -2.41 17.21
N LEU A 337 -12.33 -2.42 18.11
CA LEU A 337 -11.40 -3.56 18.27
C LEU A 337 -11.84 -4.36 19.49
N ASN A 338 -12.32 -5.58 19.31
CA ASN A 338 -12.76 -6.44 20.45
C ASN A 338 -13.78 -5.63 21.30
N GLY A 339 -14.68 -4.90 20.62
CA GLY A 339 -15.82 -4.19 21.25
C GLY A 339 -15.45 -2.82 21.85
N LEU A 340 -14.25 -2.28 21.64
CA LEU A 340 -13.81 -0.92 22.08
C LEU A 340 -13.62 -0.06 20.84
N THR A 341 -14.33 1.04 20.72
CA THR A 341 -14.19 2.00 19.60
C THR A 341 -12.74 2.53 19.59
N LEU A 342 -12.11 2.47 18.43
CA LEU A 342 -10.76 3.03 18.22
C LEU A 342 -10.86 4.50 17.92
N LYS A 343 -10.22 5.27 18.79
CA LYS A 343 -10.16 6.74 18.70
C LYS A 343 -8.82 7.20 19.25
N MET A 344 -8.32 8.30 18.71
N MET A 344 -8.28 8.29 18.69
CA MET A 344 -7.14 8.99 19.27
CA MET A 344 -7.03 8.92 19.22
C MET A 344 -7.38 9.24 20.77
C MET A 344 -7.30 9.34 20.68
N VAL A 345 -6.34 9.11 21.58
CA VAL A 345 -6.39 9.59 22.99
C VAL A 345 -6.37 11.14 22.94
N ASP A 346 -5.43 11.71 22.20
CA ASP A 346 -5.46 13.16 21.86
C ASP A 346 -4.70 13.34 20.55
N ASP A 347 -4.47 14.57 20.12
CA ASP A 347 -3.83 14.84 18.79
C ASP A 347 -2.41 14.26 18.75
N GLN A 348 -1.81 13.92 19.89
CA GLN A 348 -0.41 13.47 19.96
C GLN A 348 -0.30 11.98 20.28
N THR A 349 -1.41 11.29 20.58
CA THR A 349 -1.41 9.99 21.27
C THR A 349 -2.36 9.02 20.57
N LEU A 350 -1.79 7.99 19.95
CA LEU A 350 -2.56 6.80 19.53
C LEU A 350 -2.96 5.98 20.74
N PRO A 351 -4.09 5.27 20.66
CA PRO A 351 -4.53 4.41 21.74
C PRO A 351 -3.77 3.11 21.71
N PRO A 352 -3.76 2.38 22.84
CA PRO A 352 -3.30 1.00 22.86
C PRO A 352 -4.27 0.18 22.00
N LEU A 353 -3.77 -0.86 21.36
CA LEU A 353 -4.59 -1.78 20.55
C LEU A 353 -4.73 -3.06 21.36
N MET A 354 -5.81 -3.19 22.12
CA MET A 354 -5.86 -4.17 23.22
C MET A 354 -6.36 -5.52 22.68
N GLU A 355 -5.57 -6.55 22.95
CA GLU A 355 -5.86 -7.95 22.57
C GLU A 355 -7.05 -8.46 23.38
N LYS A 356 -7.68 -9.54 22.92
CA LYS A 356 -8.65 -10.33 23.72
C LYS A 356 -8.10 -11.74 23.79
N PRO A 357 -7.52 -12.18 24.94
CA PRO A 357 -7.03 -13.55 25.04
C PRO A 357 -8.20 -14.53 24.95
N LEU A 358 -8.02 -15.60 24.18
CA LEU A 358 -9.06 -16.64 24.09
C LEU A 358 -8.74 -17.83 25.04
N ARG A 359 -9.77 -18.59 25.36
CA ARG A 359 -9.59 -19.83 26.15
C ARG A 359 -8.72 -20.77 25.32
N PRO A 360 -7.55 -21.22 25.83
CA PRO A 360 -6.72 -22.20 25.12
C PRO A 360 -7.58 -23.42 24.73
N GLY A 361 -7.47 -23.86 23.47
CA GLY A 361 -8.22 -25.00 22.90
C GLY A 361 -9.57 -24.61 22.33
N SER A 362 -9.97 -23.33 22.44
CA SER A 362 -11.24 -22.85 21.86
C SER A 362 -11.05 -22.58 20.35
N SER A 363 -12.11 -22.76 19.59
CA SER A 363 -12.12 -22.42 18.15
C SER A 363 -12.17 -20.89 18.05
N LEU A 364 -11.65 -20.35 16.95
CA LEU A 364 -11.53 -18.89 16.75
C LEU A 364 -12.83 -18.40 16.09
N GLY A 365 -13.66 -17.62 16.80
CA GLY A 365 -14.91 -17.12 16.25
C GLY A 365 -14.69 -15.93 15.33
N LEU A 366 -15.23 -15.98 14.13
CA LEU A 366 -15.13 -14.86 13.18
C LEU A 366 -16.54 -14.55 12.72
N PRO A 367 -17.13 -13.46 13.24
CA PRO A 367 -18.48 -13.09 12.84
C PRO A 367 -18.62 -12.85 11.35
N ALA A 368 -19.84 -12.99 10.88
CA ALA A 368 -20.23 -12.54 9.52
C ALA A 368 -19.65 -11.17 9.18
N PHE A 369 -19.17 -11.02 7.93
CA PHE A 369 -18.73 -9.73 7.39
C PHE A 369 -17.83 -9.03 8.38
N SER A 370 -16.74 -9.69 8.76
CA SER A 370 -15.75 -9.12 9.67
C SER A 370 -14.35 -9.57 9.26
N TYR A 371 -13.34 -9.00 9.90
CA TYR A 371 -11.94 -9.45 9.72
C TYR A 371 -11.25 -9.34 11.06
N SER A 372 -10.30 -10.21 11.28
CA SER A 372 -9.61 -10.35 12.57
C SER A 372 -8.18 -10.78 12.36
N PHE A 373 -7.33 -10.42 13.33
CA PHE A 373 -5.99 -11.01 13.49
C PHE A 373 -6.04 -11.92 14.71
N PHE A 374 -5.20 -12.95 14.70
CA PHE A 374 -5.06 -13.91 15.81
C PHE A 374 -3.58 -14.18 15.95
N VAL A 375 -3.03 -13.87 17.13
CA VAL A 375 -1.62 -14.16 17.45
C VAL A 375 -1.52 -15.46 18.27
N ILE A 376 -0.81 -16.43 17.75
CA ILE A 376 -0.60 -17.78 18.35
C ILE A 376 0.69 -17.70 19.17
N ARG A 377 0.53 -17.60 20.49
CA ARG A 377 1.66 -17.40 21.45
C ARG A 377 2.35 -18.73 21.71
N ASN A 378 3.66 -18.66 21.83
CA ASN A 378 4.53 -19.83 22.08
C ASN A 378 4.33 -20.84 20.94
N ALA A 379 4.06 -20.37 19.71
CA ALA A 379 3.97 -21.26 18.52
C ALA A 379 5.30 -21.98 18.27
N LYS A 380 6.43 -21.36 18.66
CA LYS A 380 7.80 -21.91 18.53
C LYS A 380 8.07 -22.37 17.10
N VAL A 381 7.68 -21.55 16.12
CA VAL A 381 7.95 -21.92 14.70
C VAL A 381 9.40 -21.55 14.41
N ALA A 382 10.23 -22.55 14.09
CA ALA A 382 11.67 -22.39 13.79
C ALA A 382 11.88 -21.41 12.63
N ALA A 383 11.04 -21.48 11.58
CA ALA A 383 11.11 -20.61 10.40
C ALA A 383 10.98 -19.13 10.79
N CYS A 384 10.38 -18.85 11.95
CA CYS A 384 10.17 -17.47 12.45
C CYS A 384 11.36 -17.09 13.34
N ILE A 385 12.48 -17.83 13.19
CA ILE A 385 13.72 -17.77 14.01
C ILE A 385 13.32 -17.83 15.48
N GLN B 1 -21.51 -27.55 11.23
CA GLN B 1 -21.88 -26.59 12.34
C GLN B 1 -21.08 -25.27 12.21
N ASP B 2 -20.75 -24.84 10.97
CA ASP B 2 -20.01 -23.56 10.65
C ASP B 2 -18.57 -23.64 11.17
N VAL B 3 -18.05 -24.83 11.40
CA VAL B 3 -16.69 -25.03 11.94
C VAL B 3 -15.80 -25.28 10.72
N VAL B 4 -14.58 -24.77 10.73
CA VAL B 4 -13.69 -24.87 9.56
C VAL B 4 -12.30 -25.19 10.07
N ASP B 5 -11.65 -26.14 9.44
CA ASP B 5 -10.29 -26.56 9.84
C ASP B 5 -9.29 -25.80 8.95
N LEU B 6 -8.26 -25.26 9.57
CA LEU B 6 -7.18 -24.57 8.83
C LEU B 6 -6.00 -25.54 8.69
N ASP B 7 -5.35 -25.48 7.53
CA ASP B 7 -4.00 -26.05 7.31
C ASP B 7 -2.95 -24.93 7.24
N PHE B 8 -1.84 -25.12 7.94
CA PHE B 8 -0.76 -24.14 7.98
C PHE B 8 0.51 -24.72 7.37
N PHE B 9 1.17 -23.95 6.52
CA PHE B 9 2.55 -24.25 6.08
C PHE B 9 3.47 -23.38 6.88
N THR B 10 4.38 -23.99 7.65
CA THR B 10 5.28 -23.28 8.61
C THR B 10 6.75 -23.71 8.45
N GLN B 11 7.05 -24.53 7.43
N GLN B 11 7.11 -24.49 7.44
CA GLN B 11 8.41 -25.12 7.25
CA GLN B 11 8.47 -25.09 7.47
C GLN B 11 9.42 -23.99 7.13
C GLN B 11 9.52 -24.06 7.01
N GLU B 12 9.17 -23.06 6.21
CA GLU B 12 10.12 -22.00 5.84
C GLU B 12 9.32 -20.78 5.41
N PRO B 13 9.92 -19.58 5.51
CA PRO B 13 9.28 -18.41 4.89
C PRO B 13 9.13 -18.63 3.38
N LEU B 14 7.96 -18.32 2.85
CA LEU B 14 7.71 -18.40 1.40
C LEU B 14 8.16 -17.13 0.69
N HIS B 15 8.03 -16.01 1.37
CA HIS B 15 8.50 -14.69 0.94
C HIS B 15 8.91 -13.87 2.14
N LEU B 16 9.70 -12.84 1.88
CA LEU B 16 10.06 -11.85 2.89
C LEU B 16 9.58 -10.49 2.37
N VAL B 17 8.67 -9.84 3.07
CA VAL B 17 8.25 -8.51 2.62
C VAL B 17 9.14 -7.51 3.31
N SER B 18 9.14 -6.31 2.77
CA SER B 18 9.83 -5.16 3.41
C SER B 18 9.23 -4.90 4.76
N PRO B 19 10.03 -4.41 5.76
CA PRO B 19 9.42 -3.85 6.97
C PRO B 19 8.45 -2.68 6.65
N SER B 20 8.63 -2.11 5.45
CA SER B 20 7.82 -0.99 4.92
C SER B 20 6.73 -1.56 4.00
N PHE B 21 6.42 -2.85 4.12
CA PHE B 21 5.44 -3.51 3.21
C PHE B 21 4.17 -2.68 3.06
N LEU B 22 3.61 -2.19 4.16
CA LEU B 22 2.41 -1.34 4.12
C LEU B 22 2.89 0.11 4.08
N SER B 23 2.89 0.66 2.87
CA SER B 23 3.31 2.05 2.57
C SER B 23 2.12 2.87 2.09
N VAL B 24 2.34 4.14 1.85
CA VAL B 24 1.25 5.10 1.56
C VAL B 24 1.70 6.09 0.49
N THR B 25 0.75 6.79 -0.09
CA THR B 25 1.00 7.88 -1.03
C THR B 25 0.48 9.18 -0.46
N ILE B 26 1.04 10.27 -0.99
CA ILE B 26 0.38 11.60 -0.98
C ILE B 26 0.30 11.99 -2.45
N ASP B 27 -0.88 12.32 -2.92
CA ASP B 27 -1.05 12.59 -4.36
C ASP B 27 -0.30 13.89 -4.74
N ALA B 28 0.36 13.87 -5.90
CA ALA B 28 0.95 15.08 -6.53
C ALA B 28 -0.07 16.23 -6.50
N ASN B 29 -1.35 15.93 -6.68
CA ASN B 29 -2.49 16.90 -6.69
C ASN B 29 -2.45 17.76 -5.45
N LEU B 30 -2.00 17.22 -4.31
CA LEU B 30 -2.18 17.93 -3.02
C LEU B 30 -1.27 19.16 -3.05
N ALA B 31 -0.19 19.14 -3.81
CA ALA B 31 0.75 20.29 -3.90
C ALA B 31 0.10 21.43 -4.66
N THR B 32 -1.02 21.21 -5.33
CA THR B 32 -1.79 22.27 -6.03
C THR B 32 -2.82 22.87 -5.09
N ASP B 33 -2.97 22.35 -3.88
CA ASP B 33 -3.86 22.93 -2.85
C ASP B 33 -3.11 24.12 -2.24
N PRO B 34 -3.73 25.33 -2.22
CA PRO B 34 -3.15 26.49 -1.54
C PRO B 34 -2.78 26.28 -0.07
N ARG B 35 -3.41 25.30 0.57
CA ARG B 35 -3.19 25.02 2.01
C ARG B 35 -2.19 23.88 2.23
N PHE B 36 -1.40 23.50 1.21
CA PHE B 36 -0.44 22.37 1.27
C PHE B 36 0.40 22.50 2.55
N LEU B 37 0.94 23.71 2.80
CA LEU B 37 1.83 23.90 3.98
C LEU B 37 1.05 23.68 5.28
N ILE B 38 -0.16 24.23 5.41
CA ILE B 38 -1.00 24.06 6.63
C ILE B 38 -1.32 22.57 6.83
N LEU B 39 -1.74 21.89 5.77
CA LEU B 39 -2.18 20.47 5.84
C LEU B 39 -1.03 19.57 6.32
N LEU B 40 0.12 19.60 5.67
CA LEU B 40 1.24 18.70 6.00
C LEU B 40 1.95 19.21 7.26
N GLY B 41 1.70 20.45 7.70
CA GLY B 41 2.24 20.92 8.98
C GLY B 41 1.41 20.49 10.17
N SER B 42 0.22 19.92 9.96
CA SER B 42 -0.74 19.55 11.02
C SER B 42 -0.10 18.59 12.00
N PRO B 43 0.02 18.91 13.30
CA PRO B 43 0.55 17.96 14.28
C PRO B 43 -0.25 16.65 14.35
N LYS B 44 -1.56 16.76 14.27
CA LYS B 44 -2.52 15.62 14.32
C LYS B 44 -2.23 14.68 13.14
N LEU B 45 -2.06 15.23 11.95
CA LEU B 45 -1.78 14.39 10.75
C LEU B 45 -0.41 13.75 10.91
N ARG B 46 0.59 14.47 11.41
CA ARG B 46 1.93 13.89 11.59
C ARG B 46 1.90 12.77 12.62
N THR B 47 1.08 12.87 13.67
CA THR B 47 1.00 11.79 14.67
C THR B 47 0.51 10.50 13.98
N LEU B 48 -0.50 10.66 13.15
CA LEU B 48 -1.10 9.48 12.45
C LEU B 48 -0.08 8.94 11.45
N ALA B 49 0.67 9.80 10.77
CA ALA B 49 1.71 9.34 9.83
C ALA B 49 2.79 8.56 10.57
N ARG B 50 3.30 9.10 11.70
CA ARG B 50 4.32 8.39 12.52
C ARG B 50 3.83 6.99 12.91
N GLY B 51 2.53 6.84 13.18
CA GLY B 51 1.94 5.52 13.51
C GLY B 51 2.22 4.48 12.43
N LEU B 52 2.44 4.89 11.18
CA LEU B 52 2.64 3.88 10.09
C LEU B 52 4.12 3.72 9.76
N SER B 53 5.02 4.43 10.45
CA SER B 53 6.45 4.21 10.26
C SER B 53 6.85 2.81 10.73
N PRO B 54 7.76 2.07 10.05
CA PRO B 54 8.44 2.47 8.84
C PRO B 54 7.52 2.26 7.62
N ALA B 55 7.65 3.19 6.71
CA ALA B 55 6.90 3.17 5.45
C ALA B 55 7.54 4.07 4.41
N TYR B 56 7.33 3.71 3.16
CA TYR B 56 7.56 4.65 2.06
C TYR B 56 6.37 5.61 1.94
N LEU B 57 6.66 6.84 1.54
CA LEU B 57 5.67 7.86 1.19
C LEU B 57 5.91 8.24 -0.25
N ARG B 58 5.04 7.76 -1.15
CA ARG B 58 5.16 8.11 -2.56
C ARG B 58 4.44 9.45 -2.80
N PHE B 59 5.19 10.45 -3.23
CA PHE B 59 4.62 11.71 -3.71
C PHE B 59 4.45 11.59 -5.22
N GLY B 60 3.22 11.30 -5.67
CA GLY B 60 3.02 11.02 -7.09
C GLY B 60 1.56 10.95 -7.41
N GLY B 61 1.24 11.11 -8.69
CA GLY B 61 -0.16 11.02 -9.09
C GLY B 61 -0.27 11.41 -10.53
N THR B 62 -1.50 11.49 -11.02
CA THR B 62 -1.72 11.95 -12.39
C THR B 62 -0.93 13.27 -12.62
N LYS B 63 -0.98 14.15 -11.63
CA LYS B 63 -0.37 15.51 -11.75
C LYS B 63 1.16 15.44 -11.75
N THR B 64 1.80 14.29 -11.41
CA THR B 64 3.27 14.11 -11.54
C THR B 64 3.75 14.63 -12.90
N ASP B 65 2.98 14.37 -13.94
CA ASP B 65 3.40 14.66 -15.33
C ASP B 65 2.91 16.03 -15.78
N PHE B 66 2.40 16.83 -14.86
CA PHE B 66 1.89 18.20 -15.09
C PHE B 66 2.46 19.17 -14.05
N LEU B 67 3.50 18.77 -13.36
CA LEU B 67 4.11 19.67 -12.34
C LEU B 67 5.51 20.03 -12.80
N ILE B 68 5.84 21.32 -12.69
CA ILE B 68 7.18 21.84 -13.10
C ILE B 68 7.77 22.56 -11.88
N PHE B 69 9.02 22.22 -11.53
CA PHE B 69 9.79 22.84 -10.42
C PHE B 69 10.19 24.25 -10.89
N ASP B 70 9.86 25.27 -10.12
CA ASP B 70 10.25 26.68 -10.39
C ASP B 70 11.05 27.18 -9.19
N PRO B 71 12.40 27.18 -9.28
CA PRO B 71 13.23 27.54 -8.12
C PRO B 71 13.17 29.03 -7.73
N LYS B 72 12.38 29.83 -8.43
CA LYS B 72 12.20 31.30 -8.21
C LYS B 72 10.85 31.60 -7.54
N LYS B 73 9.92 30.65 -7.54
CA LYS B 73 8.58 30.82 -6.94
C LYS B 73 8.73 30.91 -5.43
N GLU B 74 7.86 31.68 -4.77
CA GLU B 74 7.87 31.88 -3.30
C GLU B 74 6.83 30.96 -2.66
C1 NAG C . -26.88 -16.16 3.49
C2 NAG C . -28.03 -15.61 2.64
C3 NAG C . -28.70 -16.67 1.75
C4 NAG C . -27.69 -17.36 0.85
C5 NAG C . -26.46 -17.79 1.69
C6 NAG C . -25.31 -18.45 0.87
C7 NAG C . -29.14 -13.56 3.40
C8 NAG C . -30.13 -12.99 4.37
N2 NAG C . -28.94 -14.89 3.51
O3 NAG C . -29.65 -16.00 0.90
O4 NAG C . -28.26 -18.48 0.11
O5 NAG C . -25.97 -16.67 2.48
O6 NAG C . -24.27 -18.86 1.81
O7 NAG C . -28.59 -12.84 2.56
H1 NAG C . -27.21 -16.88 4.06
H2 NAG C . -27.62 -14.95 2.01
H3 NAG C . -29.16 -17.33 2.33
H4 NAG C . -27.38 -16.69 0.20
H5 NAG C . -26.79 -18.48 2.33
H61 NAG C . -24.94 -17.80 0.22
H62 NAG C . -25.65 -19.23 0.37
H81 NAG C . -29.83 -13.14 5.29
H82 NAG C . -30.22 -12.01 4.21
H83 NAG C . -31.02 -13.42 4.23
HN2 NAG C . -29.38 -15.35 4.14
HO3 NAG C . -30.05 -16.58 0.43
HO4 NAG C . -27.67 -18.78 -0.43
C1 FUC C . -24.43 -20.19 2.34
C2 FUC C . -23.09 -20.66 2.96
C3 FUC C . -22.80 -19.86 4.25
C4 FUC C . -23.95 -20.05 5.22
C5 FUC C . -25.28 -19.62 4.60
C6 FUC C . -26.41 -19.92 5.62
O2 FUC C . -22.00 -20.55 2.05
O3 FUC C . -21.66 -20.36 4.92
O4 FUC C . -23.92 -21.46 5.53
O5 FUC C . -25.50 -20.30 3.31
H1 FUC C . -24.64 -20.78 1.56
H2 FUC C . -23.19 -21.61 3.22
H3 FUC C . -22.69 -18.89 4.03
H4 FUC C . -23.79 -19.51 6.04
H5 FUC C . -25.25 -18.65 4.45
H61 FUC C . -27.27 -19.61 5.26
H62 FUC C . -26.44 -20.90 5.79
H63 FUC C . -26.21 -19.45 6.47
HO2 FUC C . -22.19 -21.02 1.38
HO3 FUC C . -20.98 -20.28 4.42
HO4 FUC C . -24.67 -21.80 5.33
C3 8I4 D . -3.85 9.24 -8.97
C5 8I4 D . -5.87 7.78 -8.81
C6 8I4 D . -7.35 7.73 -8.92
O3 8I4 D . -3.34 10.62 -9.06
O4 8I4 D . -6.04 10.01 -8.10
C1 8I4 D . -3.64 6.89 -9.72
C2 8I4 D . -3.18 8.36 -9.99
C4 8I4 D . -5.33 9.20 -9.07
C7 8I4 D . -5.15 6.81 -9.76
O2 8I4 D . -1.79 8.49 -9.91
O6B 8I4 D . -8.06 7.77 -7.92
O6A 8I4 D . -7.93 7.61 -10.06
H3 8I4 D . -3.58 8.85 -7.98
H5 8I4 D . -5.60 7.51 -7.78
HO3 8I4 D . -2.38 10.62 -8.99
H1 8I4 D . -3.24 6.24 -10.50
H2 8I4 D . -3.53 8.67 -10.99
H4 8I4 D . -5.61 9.49 -10.09
H7 8I4 D . -5.47 5.79 -9.50
HO2 8I4 D . -1.38 7.92 -10.58
O7 8I4 D . -5.48 7.08 -11.13
HO7 8I4 D . -5.02 6.45 -11.71
C1 NDG D . -6.08 11.44 -8.31
C2 NDG D . -7.03 12.04 -7.29
C3 NDG D . -8.49 11.69 -7.53
C4 NDG D . -8.83 11.93 -8.99
C5 NDG D . -7.81 11.30 -9.93
C6 NDG D . -7.97 11.60 -11.47
C7 NDG D . -6.12 12.45 -5.04
C8 NDG D . -5.78 11.75 -3.76
O5 NDG D . -6.52 11.71 -9.64
O3 NDG D . -9.32 12.47 -6.65
O4 NDG D . -10.20 11.44 -9.16
O6 NDG D . -6.81 11.15 -12.30
O7 NDG D . -5.83 13.64 -5.26
N2 NDG D . -6.71 11.63 -5.93
H1 NDG D . -5.09 11.88 -8.14
H2 NDG D . -6.94 13.13 -7.37
H3 NDG D . -8.63 10.62 -7.31
H4 NDG D . -8.81 13.02 -9.17
H5 NDG D . -7.88 10.21 -9.81
H61 NDG D . -8.12 12.66 -11.61
H62 NDG D . -8.87 11.09 -11.83
H81 NDG D . -5.83 10.70 -3.88
H82 NDG D . -6.45 12.04 -3.00
H83 NDG D . -4.80 12.01 -3.46
HO3 NDG D . -10.25 12.25 -6.79
HO4 NDG D . -10.47 11.57 -10.08
HO6 NDG D . -6.98 11.37 -13.24
HN2 NDG D . -6.91 10.68 -5.68
C1 NAG E . 3.64 21.63 -20.25
C2 NAG E . 2.72 21.84 -21.47
C3 NAG E . 3.47 21.55 -22.78
C4 NAG E . 4.85 22.21 -22.85
C5 NAG E . 5.68 21.76 -21.64
C6 NAG E . 7.13 22.30 -21.71
C7 NAG E . 0.24 21.42 -21.08
C8 NAG E . -0.83 20.35 -21.15
N2 NAG E . 1.49 21.02 -21.43
O3 NAG E . 2.67 22.03 -23.88
O4 NAG E . 5.54 21.88 -24.07
O5 NAG E . 4.97 22.19 -20.46
O6 NAG E . 7.47 23.11 -20.58
O7 NAG E . -0.08 22.56 -20.73
H1 NAG E . 3.73 20.67 -20.08
H2 NAG E . 2.45 22.80 -21.48
H3 NAG E . 3.59 20.57 -22.86
H4 NAG E . 4.73 23.19 -22.79
H5 NAG E . 5.73 20.78 -21.66
H61 NAG E . 7.25 22.84 -22.53
H62 NAG E . 7.75 21.53 -21.76
H81 NAG E . -0.58 19.61 -20.53
H82 NAG E . -1.69 20.73 -20.88
H83 NAG E . -0.88 20.00 -22.06
HN2 NAG E . 1.59 20.16 -21.66
HO3 NAG E . 3.06 21.77 -24.60
HO4 NAG E . 6.31 22.31 -24.05
HO6 NAG E . 8.30 23.32 -20.60
C1 NAG F . 14.82 21.53 -22.23
C2 NAG F . 15.39 22.14 -23.54
C3 NAG F . 16.08 23.50 -23.21
C4 NAG F . 14.99 24.41 -22.59
C5 NAG F . 14.59 23.74 -21.26
C6 NAG F . 13.69 24.58 -20.37
C7 NAG F . 16.03 20.64 -25.41
C8 NAG F . 17.19 19.85 -25.96
N2 NAG F . 16.29 21.21 -24.22
O3 NAG F . 16.74 24.17 -24.31
O4 NAG F . 15.42 25.76 -22.44
O5 NAG F . 13.96 22.46 -21.55
O6 NAG F . 12.32 24.32 -20.69
O7 NAG F . 14.97 20.74 -26.02
H1 NAG F . 15.60 21.34 -21.65
H2 NAG F . 14.63 22.33 -24.14
H3 NAG F . 16.76 23.32 -22.51
H4 NAG F . 14.21 24.38 -23.18
H5 NAG F . 15.41 23.56 -20.74
H61 NAG F . 13.89 25.54 -20.49
H62 NAG F . 13.86 24.35 -19.43
H81 NAG F . 17.43 19.13 -25.32
H82 NAG F . 16.93 19.45 -26.83
H83 NAG F . 17.96 20.45 -26.08
HN2 NAG F . 17.09 21.07 -23.83
HO3 NAG F . 17.11 24.88 -24.02
HO4 NAG F . 14.78 26.22 -22.14
HO6 NAG F . 11.82 24.81 -20.20
C1 NAG G . 9.82 4.06 -29.71
C2 NAG G . 10.04 3.37 -31.05
C3 NAG G . 11.21 3.93 -31.85
C4 NAG G . 11.05 5.43 -32.04
C5 NAG G . 10.78 6.11 -30.67
C6 NAG G . 10.29 7.54 -30.89
C7 NAG G . 9.53 1.03 -31.27
C8 NAG G . 9.80 -0.37 -30.78
N2 NAG G . 10.30 1.97 -30.78
O3 NAG G . 11.29 3.22 -33.10
O4 NAG G . 12.21 6.00 -32.70
O5 NAG G . 9.75 5.48 -29.85
O6 NAG G . 10.42 8.22 -29.66
O7 NAG G . 8.64 1.32 -32.06
H1 NAG G . 10.59 3.85 -29.14
H2 NAG G . 9.22 3.47 -31.59
H3 NAG G . 12.04 3.77 -31.33
H4 NAG G . 10.24 5.58 -32.60
H5 NAG G . 11.62 6.15 -30.17
H61 NAG G . 9.35 7.54 -31.18
H62 NAG G . 10.84 7.98 -31.59
H81 NAG G . 9.70 -0.41 -29.80
H82 NAG G . 9.16 -1.00 -31.20
H83 NAG G . 10.72 -0.63 -31.02
HN2 NAG G . 10.97 1.76 -30.22
HO3 NAG G . 11.93 3.49 -33.54
HO4 NAG G . 12.10 6.82 -32.83
HO6 NAG G . 10.18 9.00 -29.73
C1 EDO H . 5.72 -6.34 7.73
O1 EDO H . 6.05 -6.60 9.11
C2 EDO H . 4.25 -6.06 7.64
O2 EDO H . 3.89 -4.78 8.19
H11 EDO H . 5.95 -7.12 7.17
H12 EDO H . 6.23 -5.57 7.39
HO1 EDO H . 6.88 -6.77 9.17
H21 EDO H . 3.77 -6.76 8.13
H22 EDO H . 3.98 -6.09 6.71
HO2 EDO H . 4.58 -4.40 8.51
C1 EDO I . -24.37 -1.36 5.75
O1 EDO I . -23.94 -2.56 5.46
C2 EDO I . -25.78 -1.16 6.20
O2 EDO I . -26.75 -2.11 6.64
H11 EDO I . -24.24 -0.81 4.95
H12 EDO I . -23.78 -0.99 6.44
HO1 EDO I . -23.11 -2.51 5.30
H21 EDO I . -26.20 -0.67 5.48
H22 EDO I . -25.69 -0.54 6.95
HO2 EDO I . -26.38 -2.86 6.77
C1 EDO J . -12.79 9.60 11.91
O1 EDO J . -12.34 8.92 13.09
C2 EDO J . -13.83 8.91 11.11
O2 EDO J . -15.08 8.87 11.73
H11 EDO J . -12.01 9.76 11.33
H12 EDO J . -13.14 10.48 12.17
HO1 EDO J . -11.76 9.38 13.48
H21 EDO J . -13.52 7.99 10.95
H22 EDO J . -13.91 9.35 10.25
HO2 EDO J . -15.05 9.21 12.50
C1 EDO K . 13.49 11.68 4.96
O1 EDO K . 14.15 10.46 5.26
C2 EDO K . 12.59 11.62 3.78
O2 EDO K . 12.91 10.60 2.83
H11 EDO K . 14.17 12.37 4.82
H12 EDO K . 12.95 11.95 5.74
HO1 EDO K . 14.63 10.57 5.95
H21 EDO K . 12.62 12.50 3.32
H22 EDO K . 11.67 11.48 4.09
HO2 EDO K . 13.37 10.00 3.21
C1 EDO L . 19.64 13.16 -5.13
O1 EDO L . 19.75 14.58 -5.37
C2 EDO L . 18.75 12.89 -3.93
O2 EDO L . 18.45 14.09 -3.20
H11 EDO L . 20.53 12.79 -4.95
H12 EDO L . 19.27 12.72 -5.91
HO1 EDO L . 20.25 14.71 -6.05
H21 EDO L . 19.20 12.25 -3.34
H22 EDO L . 17.92 12.49 -4.24
HO2 EDO L . 18.98 14.70 -3.41
C1 EDO M . -17.06 -13.95 17.55
O1 EDO M . -17.76 -15.11 17.87
C2 EDO M . -16.87 -12.97 18.68
O2 EDO M . -17.78 -11.88 18.73
H11 EDO M . -17.53 -13.50 16.83
H12 EDO M . -16.18 -14.20 17.21
HO1 EDO M . -17.83 -15.62 17.20
H21 EDO M . -15.98 -12.59 18.61
H22 EDO M . -16.93 -13.45 19.52
HO2 EDO M . -18.46 -12.05 18.23
C1 EDO N . -7.46 17.48 1.44
O1 EDO N . -7.97 17.14 0.15
C2 EDO N . -8.50 17.40 2.53
O2 EDO N . -8.94 16.07 2.81
H11 EDO N . -7.11 18.39 1.42
H12 EDO N . -6.73 16.88 1.67
HO1 EDO N . -7.33 17.22 -0.41
H21 EDO N . -9.27 17.95 2.27
H22 EDO N . -8.12 17.79 3.35
HO2 EDO N . -8.59 15.52 2.26
CL CL O . 4.96 0.35 -25.67
#